data_4WX6
#
_entry.id   4WX6
#
_cell.length_a   41.733
_cell.length_b   41.733
_cell.length_c   193.552
_cell.angle_alpha   90.000
_cell.angle_beta   90.000
_cell.angle_gamma   120.000
#
_symmetry.space_group_name_H-M   'P 32'
#
loop_
_entity.id
_entity.type
_entity.pdbx_description
1 polymer Protease
2 polymer PVI
3 non-polymer N-[(2S)-2-(3,5-dichlorophenyl)-2-(ethylamino)acetyl]-3-methyl-L-valyl-N-[3-(methylsulfonyl)propyl]glycinamide
4 water water
#
loop_
_entity_poly.entity_id
_entity_poly.type
_entity_poly.pdbx_seq_one_letter_code
_entity_poly.pdbx_strand_id
1 'polypeptide(L)'
;SGSSEQELAAIVRDLGCGPYFLGTHDKRFPGFLAGNKLACAIVNTAGRETGGVHWLAFGWNPRSRTCYMFDPFGFSDRRL
KQIYSFEYEAMLRRSALALSPDRCLSLEQSTQTVQGPDSAACGLFCCMFLHAFVHWPDRPMDGNPTMNLLTGVPNGMLQS
PQVLPTLRRNQEKLYRFLAHHSPYFRSHRAAIEHATAFDKMKQL
;
A,C
2 'polypeptide(L)' GVKSLKRRRCY B,D
#
# COMPACT_ATOMS: atom_id res chain seq x y z
N SER A 1 -11.59 19.50 -14.25
CA SER A 1 -11.93 19.82 -12.81
C SER A 1 -11.05 19.04 -11.83
N GLY A 2 -10.10 19.73 -11.22
CA GLY A 2 -9.19 19.09 -10.28
C GLY A 2 -8.12 18.21 -10.88
N SER A 3 -7.40 17.59 -9.95
CA SER A 3 -6.23 16.81 -10.25
C SER A 3 -6.66 15.38 -10.10
N SER A 4 -6.09 14.51 -10.91
CA SER A 4 -6.51 13.11 -10.91
C SER A 4 -5.53 12.33 -10.05
N GLU A 5 -5.88 11.09 -9.70
CA GLU A 5 -4.96 10.29 -8.88
C GLU A 5 -3.52 10.25 -9.44
N GLN A 6 -3.38 10.06 -10.76
CA GLN A 6 -2.04 9.98 -11.42
C GLN A 6 -1.26 11.26 -11.25
N GLU A 7 -1.92 12.38 -11.57
CA GLU A 7 -1.40 13.70 -11.38
C GLU A 7 -0.80 13.80 -9.99
N LEU A 8 -1.61 13.51 -8.99
CA LEU A 8 -1.13 13.66 -7.58
C LEU A 8 -0.02 12.67 -7.23
N ALA A 9 -0.25 11.42 -7.64
CA ALA A 9 0.75 10.37 -7.43
C ALA A 9 2.07 10.79 -8.05
N ALA A 10 2.05 11.34 -9.27
CA ALA A 10 3.31 11.81 -9.89
C ALA A 10 3.94 12.96 -9.14
N ILE A 11 3.16 13.98 -8.82
CA ILE A 11 3.72 15.19 -8.11
C ILE A 11 4.24 14.87 -6.67
N VAL A 12 3.46 14.12 -5.95
CA VAL A 12 3.86 13.72 -4.61
C VAL A 12 5.23 13.02 -4.65
N ARG A 13 5.46 12.27 -5.72
CA ARG A 13 6.78 11.66 -5.95
C ARG A 13 7.84 12.71 -6.37
N ASP A 14 7.48 13.73 -7.14
CA ASP A 14 8.50 14.77 -7.41
C ASP A 14 8.90 15.50 -6.14
N LEU A 15 7.93 15.64 -5.22
CA LEU A 15 8.21 16.37 -3.97
C LEU A 15 8.92 15.49 -2.92
N GLY A 16 9.23 14.26 -3.29
CA GLY A 16 10.08 13.40 -2.45
C GLY A 16 9.35 12.59 -1.42
N CYS A 17 8.04 12.49 -1.56
CA CYS A 17 7.25 11.82 -0.53
C CYS A 17 7.40 10.37 -0.75
N GLY A 18 8.27 10.03 -1.69
CA GLY A 18 8.44 8.67 -2.23
C GLY A 18 8.58 7.61 -1.18
N PRO A 19 9.70 7.63 -0.45
CA PRO A 19 9.99 6.65 0.63
C PRO A 19 8.89 6.54 1.70
N TYR A 20 7.97 7.51 1.70
CA TYR A 20 7.02 7.57 2.80
C TYR A 20 5.56 7.50 2.38
N PHE A 21 5.30 7.28 1.08
CA PHE A 21 4.01 7.53 0.49
C PHE A 21 3.26 6.26 0.15
N LEU A 22 2.07 6.20 0.70
CA LEU A 22 1.27 5.04 0.65
C LEU A 22 0.21 5.06 -0.43
N GLY A 23 0.32 5.96 -1.43
CA GLY A 23 -0.62 5.94 -2.54
C GLY A 23 -1.81 6.86 -2.48
N THR A 24 -2.80 6.58 -3.33
CA THR A 24 -4.00 7.39 -3.36
C THR A 24 -5.19 6.50 -3.15
N HIS A 25 -6.06 6.88 -2.20
CA HIS A 25 -7.21 6.06 -1.78
C HIS A 25 -8.54 6.77 -1.93
N ASP A 26 -9.60 5.99 -2.22
CA ASP A 26 -10.95 6.48 -2.12
C ASP A 26 -11.14 6.85 -0.62
N LYS A 27 -12.38 7.15 -0.24
CA LYS A 27 -12.66 7.45 1.16
C LYS A 27 -12.38 6.33 2.19
N ARG A 28 -11.84 5.19 1.73
CA ARG A 28 -11.68 3.98 2.58
C ARG A 28 -10.21 3.60 2.87
N PHE A 29 -9.30 4.57 2.70
CA PHE A 29 -7.95 4.44 3.20
C PHE A 29 -8.02 3.87 4.59
N PRO A 30 -7.35 2.70 4.78
CA PRO A 30 -7.32 1.87 5.95
C PRO A 30 -6.85 2.61 7.20
N GLY A 31 -5.83 3.45 7.03
CA GLY A 31 -5.02 3.95 8.11
C GLY A 31 -3.56 3.52 7.92
N PHE A 32 -2.84 3.71 9.00
CA PHE A 32 -1.42 3.52 9.01
C PHE A 32 -1.30 2.31 9.92
N LEU A 33 -1.22 1.13 9.29
CA LEU A 33 -1.38 -0.15 10.01
C LEU A 33 -0.10 -0.93 9.97
N ALA A 34 0.85 -0.45 9.15
CA ALA A 34 1.92 -1.28 8.60
C ALA A 34 3.04 -1.46 9.58
N GLY A 35 3.52 -0.34 10.10
CA GLY A 35 4.66 -0.25 11.00
C GLY A 35 4.69 1.21 11.46
N ASN A 36 5.40 1.50 12.56
CA ASN A 36 5.52 2.89 13.04
C ASN A 36 6.61 3.69 12.31
N LYS A 37 6.36 3.91 11.02
CA LYS A 37 7.26 4.68 10.18
C LYS A 37 6.52 5.93 9.69
N LEU A 38 7.21 7.07 9.68
CA LEU A 38 6.75 8.27 8.97
C LEU A 38 6.07 7.89 7.64
N ALA A 39 4.72 7.82 7.65
CA ALA A 39 3.93 7.49 6.47
C ALA A 39 2.97 8.65 6.18
N CYS A 40 2.38 8.67 4.98
CA CYS A 40 1.40 9.69 4.60
C CYS A 40 0.59 9.19 3.41
N ALA A 41 -0.45 9.89 3.03
CA ALA A 41 -1.27 9.39 1.96
C ALA A 41 -2.13 10.52 1.40
N ILE A 42 -2.97 10.17 0.43
CA ILE A 42 -3.99 11.04 -0.15
C ILE A 42 -5.26 10.20 -0.24
N VAL A 43 -6.33 10.77 0.30
CA VAL A 43 -7.58 10.07 0.52
C VAL A 43 -8.62 10.96 -0.08
N ASN A 44 -9.43 10.42 -0.98
CA ASN A 44 -10.53 11.20 -1.51
C ASN A 44 -11.65 11.23 -0.49
N THR A 45 -12.41 12.31 -0.43
CA THR A 45 -13.54 12.35 0.46
C THR A 45 -14.60 11.37 0.07
N ALA A 46 -14.71 11.09 -1.22
CA ALA A 46 -15.77 10.20 -1.71
C ALA A 46 -15.26 8.80 -2.03
N GLY A 47 -16.19 7.85 -2.09
CA GLY A 47 -15.88 6.49 -2.55
C GLY A 47 -15.63 6.45 -4.05
N ARG A 48 -14.66 5.62 -4.47
CA ARG A 48 -14.14 5.59 -5.84
C ARG A 48 -15.21 5.69 -6.92
N GLU A 49 -16.41 5.23 -6.56
CA GLU A 49 -17.53 4.95 -7.43
C GLU A 49 -18.46 6.14 -7.59
N THR A 50 -17.98 7.28 -7.14
CA THR A 50 -18.69 8.51 -7.36
C THR A 50 -17.97 9.15 -8.51
N GLY A 51 -16.75 8.67 -8.78
CA GLY A 51 -15.84 9.39 -9.66
C GLY A 51 -14.77 10.08 -8.83
N GLY A 52 -15.13 10.55 -7.62
CA GLY A 52 -14.18 11.20 -6.72
C GLY A 52 -14.43 12.69 -6.65
N VAL A 53 -14.38 13.24 -5.43
CA VAL A 53 -14.90 14.61 -5.08
C VAL A 53 -13.89 15.57 -4.49
N HIS A 54 -13.28 15.26 -3.34
CA HIS A 54 -12.34 16.27 -2.77
C HIS A 54 -11.12 15.57 -2.28
N TRP A 55 -9.95 16.19 -2.34
CA TRP A 55 -8.75 15.47 -1.94
C TRP A 55 -8.39 15.82 -0.51
N LEU A 56 -7.92 14.86 0.28
CA LEU A 56 -7.44 15.13 1.65
C LEU A 56 -6.00 14.62 1.83
N ALA A 57 -5.26 15.20 2.75
CA ALA A 57 -3.93 14.64 3.00
C ALA A 57 -3.87 14.14 4.43
N PHE A 58 -3.07 13.09 4.63
CA PHE A 58 -3.02 12.35 5.90
C PHE A 58 -1.56 12.02 6.13
N GLY A 59 -1.09 12.13 7.37
CA GLY A 59 0.33 11.95 7.68
C GLY A 59 0.43 11.23 9.00
N TRP A 60 1.50 10.46 9.18
CA TRP A 60 1.87 9.84 10.46
C TRP A 60 3.31 10.20 10.87
N ASN A 61 3.44 10.85 12.04
CA ASN A 61 4.70 11.01 12.75
C ASN A 61 4.89 9.95 13.87
N PRO A 62 6.00 9.19 13.84
CA PRO A 62 6.39 8.30 14.95
C PRO A 62 6.59 8.98 16.29
N ARG A 63 7.56 9.90 16.37
CA ARG A 63 7.94 10.54 17.64
C ARG A 63 6.70 10.95 18.42
N SER A 64 5.86 11.76 17.82
CA SER A 64 4.73 12.36 18.51
C SER A 64 3.50 11.48 18.60
N ARG A 65 3.49 10.35 17.88
CA ARG A 65 2.24 9.56 17.65
C ARG A 65 1.02 10.43 17.28
N THR A 66 1.15 11.11 16.15
CA THR A 66 0.22 12.14 15.69
C THR A 66 -0.26 11.85 14.23
N CYS A 67 -1.54 11.61 14.07
CA CYS A 67 -2.11 11.69 12.73
C CYS A 67 -2.35 13.14 12.36
N TYR A 68 -1.74 13.61 11.27
CA TYR A 68 -2.16 14.89 10.69
C TYR A 68 -3.24 14.68 9.66
N MET A 69 -4.39 15.34 9.83
CA MET A 69 -5.40 15.34 8.75
C MET A 69 -5.37 16.73 8.16
N PHE A 70 -5.28 16.81 6.84
CA PHE A 70 -5.15 18.10 6.17
C PHE A 70 -6.22 18.31 5.12
N ASP A 71 -7.08 19.29 5.37
CA ASP A 71 -8.05 19.62 4.39
C ASP A 71 -7.62 20.99 4.03
N PRO A 72 -7.39 21.22 2.71
CA PRO A 72 -6.97 22.56 2.36
C PRO A 72 -7.95 23.67 2.78
N PHE A 73 -9.25 23.38 3.00
CA PHE A 73 -10.15 24.43 3.50
C PHE A 73 -10.13 24.61 5.07
N GLY A 74 -9.35 23.82 5.78
CA GLY A 74 -9.63 23.49 7.20
C GLY A 74 -11.12 23.33 7.64
N PHE A 75 -11.94 22.56 6.94
CA PHE A 75 -13.29 22.18 7.44
C PHE A 75 -13.14 21.29 8.65
N SER A 76 -13.92 21.50 9.69
CA SER A 76 -13.94 20.58 10.84
C SER A 76 -14.49 19.16 10.50
N ASP A 77 -14.14 18.16 11.32
CA ASP A 77 -14.62 16.84 11.00
CA ASP A 77 -14.69 16.82 11.24
C ASP A 77 -16.11 16.93 10.72
N ARG A 78 -16.86 17.65 11.55
CA ARG A 78 -18.28 17.88 11.41
C ARG A 78 -18.68 18.52 10.07
N ARG A 79 -17.92 19.52 9.62
CA ARG A 79 -18.25 20.11 8.32
C ARG A 79 -17.91 19.13 7.16
N LEU A 80 -16.66 18.66 7.11
CA LEU A 80 -16.29 17.61 6.15
C LEU A 80 -17.39 16.53 6.05
N LYS A 81 -17.84 16.00 7.18
CA LYS A 81 -18.99 15.06 7.20
C LYS A 81 -20.27 15.58 6.51
N GLN A 82 -20.62 16.83 6.78
CA GLN A 82 -21.83 17.45 6.22
C GLN A 82 -21.76 17.76 4.70
N ILE A 83 -20.69 18.45 4.29
CA ILE A 83 -20.50 18.80 2.87
C ILE A 83 -20.18 17.55 2.01
N TYR A 84 -19.27 16.68 2.50
CA TYR A 84 -18.63 15.67 1.63
C TYR A 84 -19.03 14.24 1.93
N SER A 85 -20.04 14.09 2.77
CA SER A 85 -20.39 12.81 3.38
C SER A 85 -19.15 11.96 3.92
N PHE A 86 -18.13 12.67 4.45
CA PHE A 86 -16.84 12.05 4.88
C PHE A 86 -16.55 11.97 6.37
N GLU A 87 -16.31 10.76 6.87
CA GLU A 87 -15.78 10.67 8.22
C GLU A 87 -14.65 9.65 8.27
N TYR A 88 -13.72 9.84 9.20
CA TYR A 88 -12.55 8.98 9.27
C TYR A 88 -12.23 8.60 10.72
N GLU A 89 -13.29 8.14 11.40
CA GLU A 89 -13.18 7.63 12.75
C GLU A 89 -12.57 6.22 12.75
N ALA A 90 -13.27 5.26 12.15
CA ALA A 90 -12.76 3.91 12.16
C ALA A 90 -11.37 3.89 11.49
N MET A 91 -11.12 4.79 10.54
CA MET A 91 -9.73 5.11 10.13
C MET A 91 -8.74 5.33 11.29
N LEU A 92 -9.03 6.30 12.13
CA LEU A 92 -8.11 6.53 13.26
C LEU A 92 -8.09 5.39 14.30
N ARG A 93 -9.17 4.62 14.31
CA ARG A 93 -9.35 3.52 15.22
C ARG A 93 -8.31 2.52 14.89
N ARG A 94 -8.42 1.93 13.69
CA ARG A 94 -7.48 0.97 13.15
C ARG A 94 -6.04 1.42 13.39
N SER A 95 -5.79 2.68 13.12
CA SER A 95 -4.46 3.29 13.19
C SER A 95 -3.88 3.26 14.59
N ALA A 96 -4.57 3.92 15.52
CA ALA A 96 -4.14 4.07 16.92
C ALA A 96 -4.02 2.75 17.65
N LEU A 97 -4.78 1.74 17.17
CA LEU A 97 -4.67 0.34 17.66
C LEU A 97 -3.53 -0.36 16.95
N ALA A 98 -3.34 0.00 15.69
CA ALA A 98 -2.36 -0.73 14.90
C ALA A 98 -1.00 -0.33 15.48
N LEU A 99 -0.89 0.93 15.89
CA LEU A 99 0.42 1.59 16.02
C LEU A 99 0.79 2.13 17.36
N SER A 100 -0.18 2.47 18.18
CA SER A 100 0.13 3.06 19.46
C SER A 100 -0.11 2.07 20.61
N PRO A 101 0.75 2.13 21.64
CA PRO A 101 0.81 1.25 22.80
C PRO A 101 -0.39 1.48 23.69
N ASP A 102 -0.56 2.72 24.18
CA ASP A 102 -1.67 3.10 25.04
C ASP A 102 -2.97 3.17 24.27
N ARG A 103 -2.92 2.72 23.02
CA ARG A 103 -3.99 2.85 22.05
C ARG A 103 -4.51 4.32 21.94
N CYS A 104 -3.65 5.30 22.20
CA CYS A 104 -4.02 6.71 22.00
C CYS A 104 -3.11 7.39 21.01
N LEU A 105 -3.67 8.46 20.42
CA LEU A 105 -3.02 9.18 19.37
C LEU A 105 -3.56 10.58 19.30
N SER A 106 -2.73 11.48 18.79
CA SER A 106 -3.17 12.86 18.60
C SER A 106 -3.64 13.06 17.18
N LEU A 107 -4.69 13.85 17.05
CA LEU A 107 -5.20 14.25 15.76
C LEU A 107 -4.94 15.73 15.61
N GLU A 108 -4.01 16.09 14.73
CA GLU A 108 -3.77 17.52 14.43
C GLU A 108 -4.26 17.99 13.02
N GLN A 109 -4.99 19.13 12.99
CA GLN A 109 -5.70 19.59 11.78
C GLN A 109 -5.89 21.10 11.65
N SER A 110 -6.08 21.60 10.41
CA SER A 110 -6.30 23.05 10.13
C SER A 110 -7.64 23.55 10.57
N THR A 111 -7.65 24.85 10.94
CA THR A 111 -8.89 25.58 11.23
C THR A 111 -8.98 26.66 10.20
N GLN A 112 -8.09 26.52 9.22
CA GLN A 112 -7.71 27.63 8.40
C GLN A 112 -7.60 27.20 6.97
N THR A 113 -8.25 27.98 6.12
CA THR A 113 -8.27 27.68 4.68
C THR A 113 -7.08 28.31 3.97
N VAL A 114 -6.54 27.57 3.01
CA VAL A 114 -5.54 28.10 2.06
C VAL A 114 -6.15 28.24 0.64
N GLN A 115 -7.19 27.47 0.36
CA GLN A 115 -7.88 27.44 -0.89
C GLN A 115 -8.95 28.53 -0.96
N GLY A 116 -9.22 29.02 -2.18
CA GLY A 116 -10.41 29.81 -2.54
C GLY A 116 -11.62 28.91 -2.73
N PRO A 117 -12.79 29.40 -2.29
CA PRO A 117 -14.03 28.61 -2.28
C PRO A 117 -14.28 27.82 -3.56
N ASP A 118 -13.75 28.36 -4.66
CA ASP A 118 -14.21 28.02 -6.00
C ASP A 118 -13.19 27.27 -6.74
N SER A 119 -11.97 27.37 -6.19
CA SER A 119 -10.77 26.72 -6.69
C SER A 119 -10.91 25.16 -6.69
N ALA A 120 -10.03 24.53 -7.47
CA ALA A 120 -9.99 23.08 -7.54
C ALA A 120 -8.54 22.59 -7.40
N ALA A 121 -7.68 23.49 -6.89
CA ALA A 121 -6.31 23.17 -6.53
C ALA A 121 -6.23 22.28 -5.27
N CYS A 122 -7.32 21.54 -4.98
CA CYS A 122 -7.39 20.74 -3.75
C CYS A 122 -6.31 19.64 -3.58
N GLY A 123 -5.94 18.93 -4.64
CA GLY A 123 -4.79 18.00 -4.55
C GLY A 123 -3.43 18.69 -4.52
N LEU A 124 -3.24 19.63 -5.41
CA LEU A 124 -1.98 20.43 -5.46
C LEU A 124 -1.54 21.06 -4.11
N PHE A 125 -2.53 21.46 -3.31
CA PHE A 125 -2.30 21.97 -1.97
C PHE A 125 -2.01 20.79 -1.09
N CYS A 126 -2.85 19.75 -1.16
CA CYS A 126 -2.60 18.51 -0.42
C CYS A 126 -1.20 18.06 -0.69
N CYS A 127 -0.76 18.14 -1.96
CA CYS A 127 0.64 17.76 -2.29
C CYS A 127 1.62 18.68 -1.61
N MET A 128 1.27 19.94 -1.44
CA MET A 128 2.22 20.91 -0.91
C MET A 128 2.47 20.62 0.57
N PHE A 129 1.38 20.41 1.32
CA PHE A 129 1.46 19.89 2.70
C PHE A 129 2.21 18.54 2.74
N LEU A 130 2.10 17.72 1.72
CA LEU A 130 2.80 16.45 1.90
C LEU A 130 4.28 16.57 1.66
N HIS A 131 4.72 17.73 1.14
CA HIS A 131 6.13 18.09 1.03
C HIS A 131 6.61 18.63 2.36
N ALA A 132 5.80 19.52 2.96
CA ALA A 132 6.16 20.06 4.26
C ALA A 132 6.14 18.95 5.30
N PHE A 133 5.19 18.03 5.19
CA PHE A 133 5.16 16.99 6.19
C PHE A 133 6.40 16.11 6.07
N VAL A 134 6.76 15.67 4.86
CA VAL A 134 7.90 14.76 4.80
C VAL A 134 9.24 15.38 4.98
N HIS A 135 9.31 16.67 5.30
CA HIS A 135 10.60 17.27 5.67
C HIS A 135 10.62 17.90 7.06
N TRP A 136 9.44 18.20 7.61
CA TRP A 136 9.38 18.75 8.97
C TRP A 136 8.18 18.21 9.72
N PRO A 137 8.15 16.91 10.01
CA PRO A 137 6.86 16.31 10.35
C PRO A 137 6.46 16.60 11.80
N ASP A 138 7.34 17.26 12.51
CA ASP A 138 7.12 17.72 13.87
C ASP A 138 6.31 19.03 13.87
N ARG A 139 6.53 19.89 12.88
CA ARG A 139 5.79 21.14 12.74
C ARG A 139 5.33 21.26 11.31
N PRO A 140 4.34 20.44 10.88
CA PRO A 140 3.99 20.53 9.44
C PRO A 140 3.05 21.69 9.03
N MET A 141 2.11 22.04 9.91
CA MET A 141 1.08 23.01 9.62
C MET A 141 1.51 24.47 9.44
N ASP A 142 2.64 24.89 10.03
CA ASP A 142 3.06 26.31 10.00
C ASP A 142 4.51 26.37 10.52
N GLY A 143 5.22 27.43 10.15
CA GLY A 143 6.57 27.66 10.66
C GLY A 143 7.49 26.56 10.18
N ASN A 144 7.36 26.25 8.88
CA ASN A 144 8.38 25.54 8.10
C ASN A 144 8.54 26.21 6.69
N PRO A 145 9.67 25.97 5.99
CA PRO A 145 9.86 26.77 4.75
C PRO A 145 8.77 26.60 3.69
N THR A 146 8.02 25.50 3.73
CA THR A 146 6.97 25.22 2.73
C THR A 146 5.61 25.86 3.03
N MET A 147 5.24 25.96 4.30
CA MET A 147 3.95 26.61 4.64
C MET A 147 4.12 28.09 4.98
N ASN A 148 5.32 28.49 5.36
CA ASN A 148 5.64 29.92 5.48
C ASN A 148 5.41 30.76 4.23
N LEU A 149 5.40 30.09 3.07
CA LEU A 149 5.05 30.67 1.77
C LEU A 149 3.54 30.87 1.68
N LEU A 150 2.76 30.04 2.38
CA LEU A 150 1.29 30.10 2.37
C LEU A 150 0.71 30.88 3.55
N THR A 151 -0.53 31.37 3.36
CA THR A 151 -1.23 32.20 4.35
C THR A 151 -2.61 31.57 4.73
N GLY A 152 -2.67 30.86 5.86
CA GLY A 152 -3.94 30.40 6.44
C GLY A 152 -4.89 31.56 6.76
N VAL A 153 -6.18 31.30 6.62
CA VAL A 153 -7.18 32.25 7.07
C VAL A 153 -8.32 31.43 7.66
N PRO A 154 -8.91 31.95 8.76
CA PRO A 154 -10.02 31.35 9.43
C PRO A 154 -10.97 30.73 8.40
N ASN A 155 -11.24 29.43 8.56
CA ASN A 155 -12.20 28.70 7.74
C ASN A 155 -13.46 29.52 7.59
N GLY A 156 -14.00 29.94 8.73
CA GLY A 156 -15.37 30.47 8.79
C GLY A 156 -15.53 31.68 7.91
N MET A 157 -14.39 32.31 7.56
CA MET A 157 -14.34 33.47 6.69
C MET A 157 -14.39 33.09 5.18
N LEU A 158 -14.51 31.80 4.84
CA LEU A 158 -14.40 31.31 3.43
C LEU A 158 -15.21 32.07 2.36
N GLN A 159 -16.52 32.28 2.58
CA GLN A 159 -17.37 32.86 1.54
C GLN A 159 -17.29 34.38 1.56
N SER A 160 -16.15 34.91 2.02
CA SER A 160 -15.98 36.36 2.18
C SER A 160 -14.98 37.05 1.27
N PRO A 161 -15.48 38.05 0.51
CA PRO A 161 -14.76 39.05 -0.28
C PRO A 161 -13.41 39.54 0.31
N GLN A 162 -13.28 39.72 1.64
CA GLN A 162 -12.01 40.23 2.22
C GLN A 162 -10.84 39.27 2.00
N VAL A 163 -11.17 38.00 1.92
CA VAL A 163 -10.10 37.01 2.02
C VAL A 163 -9.39 36.71 0.67
N LEU A 164 -10.18 36.71 -0.41
CA LEU A 164 -9.79 36.17 -1.73
C LEU A 164 -8.50 36.74 -2.33
N PRO A 165 -8.24 38.05 -2.16
CA PRO A 165 -6.91 38.51 -2.60
C PRO A 165 -5.72 37.72 -1.98
N THR A 166 -5.96 37.18 -0.78
CA THR A 166 -4.96 36.35 -0.11
C THR A 166 -5.05 34.91 -0.59
N LEU A 167 -6.27 34.44 -0.83
CA LEU A 167 -6.58 33.07 -1.31
C LEU A 167 -6.15 32.84 -2.79
N ARG A 168 -6.32 33.86 -3.63
CA ARG A 168 -5.61 33.87 -4.91
C ARG A 168 -4.07 33.83 -4.66
N ARG A 169 -3.55 34.69 -3.77
CA ARG A 169 -2.08 34.78 -3.57
C ARG A 169 -1.36 33.50 -3.05
N ASN A 170 -2.11 32.69 -2.29
CA ASN A 170 -1.71 31.33 -1.94
C ASN A 170 -1.63 30.49 -3.21
N GLN A 171 -2.73 30.46 -3.99
CA GLN A 171 -2.78 29.78 -5.29
C GLN A 171 -1.79 30.22 -6.37
N GLU A 172 -1.09 31.36 -6.21
CA GLU A 172 -0.06 31.72 -7.22
C GLU A 172 1.21 31.05 -6.76
N LYS A 173 1.50 31.26 -5.47
CA LYS A 173 2.67 30.72 -4.84
C LYS A 173 2.62 29.22 -4.67
N LEU A 174 1.44 28.65 -4.90
CA LEU A 174 1.26 27.21 -4.87
C LEU A 174 1.67 26.69 -6.23
N TYR A 175 1.44 27.49 -7.24
CA TYR A 175 1.89 27.09 -8.53
C TYR A 175 3.39 27.33 -8.57
N ARG A 176 3.87 28.50 -8.10
CA ARG A 176 5.31 28.78 -8.08
C ARG A 176 5.87 27.58 -7.38
N PHE A 177 5.20 27.19 -6.29
CA PHE A 177 5.73 26.07 -5.53
C PHE A 177 6.02 24.82 -6.34
N LEU A 178 5.00 24.33 -6.98
CA LEU A 178 5.10 23.05 -7.67
C LEU A 178 6.05 23.07 -8.87
N ALA A 179 5.95 24.19 -9.61
CA ALA A 179 6.81 24.52 -10.76
C ALA A 179 8.26 24.37 -10.34
N HIS A 180 8.64 25.06 -9.26
CA HIS A 180 9.99 24.90 -8.68
C HIS A 180 10.44 23.48 -8.40
N HIS A 181 9.54 22.62 -7.90
CA HIS A 181 9.94 21.30 -7.40
C HIS A 181 9.50 20.08 -8.22
N SER A 182 8.48 20.24 -9.06
CA SER A 182 7.99 19.06 -9.76
C SER A 182 8.18 19.03 -11.29
N PRO A 183 8.99 18.07 -11.82
CA PRO A 183 9.10 17.92 -13.28
C PRO A 183 7.77 17.66 -13.97
N TYR A 184 6.92 16.83 -13.39
CA TYR A 184 5.58 16.61 -13.90
C TYR A 184 4.73 17.87 -13.85
N PHE A 185 4.88 18.70 -12.81
CA PHE A 185 4.14 19.95 -12.81
C PHE A 185 4.44 20.76 -14.07
N ARG A 186 5.71 21.17 -14.25
CA ARG A 186 6.12 21.97 -15.41
C ARG A 186 5.63 21.34 -16.72
N SER A 187 5.88 20.06 -16.88
CA SER A 187 5.40 19.31 -18.03
C SER A 187 3.94 19.51 -18.35
N HIS A 188 3.07 19.59 -17.32
CA HIS A 188 1.60 19.64 -17.54
C HIS A 188 0.98 20.94 -17.09
N ARG A 189 1.87 21.86 -16.72
CA ARG A 189 1.56 23.05 -16.00
C ARG A 189 0.37 23.85 -16.47
N ALA A 190 0.32 24.07 -17.77
CA ALA A 190 -0.74 24.83 -18.40
C ALA A 190 -2.13 24.24 -18.22
N ALA A 191 -2.26 22.92 -18.44
CA ALA A 191 -3.57 22.20 -18.39
C ALA A 191 -4.00 21.94 -16.91
N ILE A 192 -2.97 21.89 -16.06
CA ILE A 192 -3.10 21.74 -14.61
C ILE A 192 -3.63 23.04 -13.96
N GLU A 193 -2.93 24.15 -14.20
CA GLU A 193 -3.38 25.48 -13.75
C GLU A 193 -4.70 25.87 -14.37
N HIS A 194 -5.01 25.34 -15.54
CA HIS A 194 -6.35 25.55 -16.09
C HIS A 194 -7.43 24.69 -15.45
N ALA A 195 -7.14 23.42 -15.11
CA ALA A 195 -8.19 22.54 -14.61
C ALA A 195 -8.42 22.65 -13.07
N THR A 196 -7.45 23.29 -12.41
CA THR A 196 -7.50 23.51 -10.99
C THR A 196 -7.58 25.02 -10.66
N ALA A 197 -7.98 25.86 -11.64
CA ALA A 197 -7.99 27.36 -11.46
C ALA A 197 -8.72 27.88 -10.21
N PHE A 198 -8.36 29.08 -9.78
CA PHE A 198 -9.08 29.74 -8.69
C PHE A 198 -10.58 29.64 -8.77
N ASP A 199 -11.11 29.85 -9.98
CA ASP A 199 -12.56 29.90 -10.18
C ASP A 199 -13.14 28.78 -11.01
N LYS A 200 -12.55 27.60 -10.94
CA LYS A 200 -13.04 26.55 -11.78
C LYS A 200 -14.46 26.23 -11.50
N MET A 201 -14.84 26.15 -10.23
CA MET A 201 -16.22 25.70 -9.95
C MET A 201 -17.34 26.60 -10.51
N LYS A 202 -16.98 27.78 -10.98
CA LYS A 202 -17.94 28.61 -11.79
C LYS A 202 -17.42 28.83 -13.24
N GLN A 203 -16.34 28.11 -13.57
CA GLN A 203 -15.88 27.86 -14.94
C GLN A 203 -16.28 26.45 -15.43
N LEU A 204 -17.11 25.71 -14.64
CA LEU A 204 -17.44 24.32 -14.98
C LEU A 204 -18.16 24.16 -16.34
N GLY B 1 1.93 29.54 7.53
CA GLY B 1 1.01 28.43 7.05
C GLY B 1 -0.34 28.44 7.73
N VAL B 2 -0.81 27.27 8.23
CA VAL B 2 -2.15 27.23 8.90
C VAL B 2 -2.07 26.87 10.39
N LYS B 3 -2.91 27.55 11.14
CA LYS B 3 -3.21 27.18 12.51
C LYS B 3 -3.97 25.86 12.43
N SER B 4 -3.86 25.17 13.55
CA SER B 4 -4.39 23.84 13.73
C SER B 4 -4.76 23.59 15.21
N LEU B 5 -5.48 22.51 15.44
CA LEU B 5 -5.89 22.11 16.76
C LEU B 5 -5.57 20.62 16.87
N LYS B 6 -4.82 20.27 17.92
CA LYS B 6 -4.40 18.89 18.22
C LYS B 6 -5.40 18.28 19.24
N ARG B 7 -5.98 17.11 18.95
CA ARG B 7 -6.99 16.45 19.83
C ARG B 7 -6.60 15.02 20.20
N ARG B 8 -6.21 14.77 21.44
CA ARG B 8 -5.80 13.43 21.85
C ARG B 8 -6.93 12.38 21.88
N ARG B 9 -7.01 11.52 20.86
CA ARG B 9 -8.02 10.46 20.83
C ARG B 9 -7.52 9.09 21.30
N CYS B 10 -8.46 8.27 21.79
CA CYS B 10 -8.13 7.00 22.43
C CYS B 10 -9.17 5.95 22.09
N TYR B 11 -8.79 4.70 22.16
CA TYR B 11 -9.61 3.70 21.54
C TYR B 11 -9.57 2.40 22.32
N SER C 1 21.55 -14.65 1.55
CA SER C 1 20.97 -16.00 1.78
C SER C 1 19.50 -15.82 1.54
N GLY C 2 19.13 -16.01 0.29
CA GLY C 2 17.79 -15.76 -0.17
C GLY C 2 17.65 -14.48 -0.97
N SER C 3 16.44 -13.96 -0.89
CA SER C 3 15.98 -12.84 -1.66
C SER C 3 15.61 -11.79 -0.64
N SER C 4 16.04 -10.55 -0.90
CA SER C 4 15.49 -9.40 -0.18
C SER C 4 14.21 -8.92 -0.89
N GLU C 5 13.46 -8.03 -0.23
CA GLU C 5 12.19 -7.47 -0.76
C GLU C 5 12.22 -6.81 -2.16
N GLN C 6 13.30 -6.07 -2.44
CA GLN C 6 13.45 -5.32 -3.71
C GLN C 6 13.58 -6.29 -4.87
N GLU C 7 14.45 -7.27 -4.69
CA GLU C 7 14.71 -8.25 -5.71
C GLU C 7 13.39 -8.83 -6.21
N LEU C 8 12.56 -9.26 -5.26
CA LEU C 8 11.28 -9.90 -5.58
C LEU C 8 10.31 -8.92 -6.19
N ALA C 9 10.25 -7.74 -5.61
CA ALA C 9 9.41 -6.65 -6.18
C ALA C 9 9.78 -6.39 -7.64
N ALA C 10 11.08 -6.43 -7.97
CA ALA C 10 11.54 -6.20 -9.34
C ALA C 10 11.05 -7.34 -10.19
N ILE C 11 11.11 -8.52 -9.61
CA ILE C 11 10.81 -9.72 -10.38
C ILE C 11 9.28 -9.84 -10.55
N VAL C 12 8.54 -9.61 -9.47
CA VAL C 12 7.08 -9.55 -9.52
C VAL C 12 6.53 -8.63 -10.62
N ARG C 13 7.09 -7.43 -10.72
CA ARG C 13 6.69 -6.48 -11.74
C ARG C 13 7.22 -6.90 -13.10
N ASP C 14 8.39 -7.56 -13.18
CA ASP C 14 8.78 -8.07 -14.51
C ASP C 14 7.68 -9.03 -15.03
N LEU C 15 7.08 -9.73 -14.08
CA LEU C 15 6.19 -10.87 -14.33
C LEU C 15 4.78 -10.54 -14.87
N GLY C 16 4.46 -9.26 -15.03
CA GLY C 16 3.12 -8.81 -15.35
C GLY C 16 2.18 -8.75 -14.14
N CYS C 17 2.69 -8.27 -13.00
CA CYS C 17 1.95 -8.30 -11.68
C CYS C 17 1.76 -6.96 -11.02
N GLY C 18 2.70 -6.05 -11.27
CA GLY C 18 2.72 -4.71 -10.67
C GLY C 18 1.39 -3.99 -10.53
N PRO C 19 0.50 -4.08 -11.55
CA PRO C 19 -0.81 -3.42 -11.39
C PRO C 19 -1.71 -4.06 -10.30
N TYR C 20 -1.37 -5.25 -9.80
CA TYR C 20 -2.22 -5.86 -8.79
C TYR C 20 -1.44 -6.10 -7.52
N PHE C 21 -0.17 -5.72 -7.56
CA PHE C 21 0.72 -5.97 -6.48
C PHE C 21 0.48 -4.89 -5.46
N LEU C 22 0.72 -5.24 -4.18
CA LEU C 22 0.42 -4.44 -3.00
C LEU C 22 1.62 -4.34 -2.08
N GLY C 23 2.78 -4.86 -2.50
CA GLY C 23 3.96 -4.70 -1.68
C GLY C 23 4.47 -5.99 -1.10
N THR C 24 5.58 -5.91 -0.39
CA THR C 24 6.15 -7.07 0.22
C THR C 24 6.16 -6.66 1.66
N HIS C 25 5.74 -7.57 2.53
CA HIS C 25 5.55 -7.22 3.93
C HIS C 25 6.17 -8.22 4.83
N ASP C 26 6.34 -7.83 6.08
CA ASP C 26 6.67 -8.77 7.08
C ASP C 26 5.34 -9.38 7.58
N LYS C 27 5.40 -10.26 8.59
CA LYS C 27 4.23 -11.02 9.03
C LYS C 27 3.03 -10.10 9.22
N ARG C 28 3.30 -8.86 9.64
CA ARG C 28 2.25 -7.90 10.00
C ARG C 28 1.34 -7.35 8.88
N PHE C 29 1.42 -7.93 7.68
CA PHE C 29 0.58 -7.55 6.57
C PHE C 29 -0.85 -7.46 7.05
N PRO C 30 -1.47 -6.29 6.80
CA PRO C 30 -2.80 -5.97 7.34
C PRO C 30 -3.90 -6.87 6.77
N GLY C 31 -3.81 -7.18 5.49
CA GLY C 31 -4.87 -7.85 4.79
C GLY C 31 -5.23 -7.10 3.55
N PHE C 32 -6.13 -7.65 2.76
CA PHE C 32 -6.64 -6.94 1.62
C PHE C 32 -7.76 -6.07 2.18
N LEU C 33 -7.57 -4.77 2.09
CA LEU C 33 -8.53 -3.85 2.61
C LEU C 33 -8.81 -2.87 1.46
N ALA C 34 -7.73 -2.46 0.77
CA ALA C 34 -7.77 -1.42 -0.26
C ALA C 34 -9.15 -1.29 -0.95
N GLY C 35 -9.48 -2.24 -1.82
CA GLY C 35 -10.80 -2.29 -2.49
C GLY C 35 -11.12 -3.70 -2.95
N ASN C 36 -12.36 -3.96 -3.35
CA ASN C 36 -12.63 -5.31 -3.86
C ASN C 36 -12.25 -5.57 -5.34
N LYS C 37 -10.97 -5.83 -5.59
CA LYS C 37 -10.49 -6.13 -6.95
C LYS C 37 -9.47 -7.32 -6.90
N LEU C 38 -8.60 -7.46 -7.91
CA LEU C 38 -7.54 -8.54 -7.94
C LEU C 38 -6.29 -8.01 -7.24
N ALA C 39 -5.83 -8.69 -6.19
CA ALA C 39 -4.69 -8.18 -5.38
C ALA C 39 -3.76 -9.30 -4.87
N CYS C 40 -2.51 -8.94 -4.55
CA CYS C 40 -1.52 -9.84 -3.94
C CYS C 40 -0.51 -9.06 -3.10
N ALA C 41 0.35 -9.80 -2.41
CA ALA C 41 1.55 -9.33 -1.78
C ALA C 41 2.49 -10.56 -1.70
N ILE C 42 3.69 -10.38 -1.11
CA ILE C 42 4.56 -11.41 -0.59
C ILE C 42 4.67 -10.93 0.84
N VAL C 43 4.55 -11.87 1.77
CA VAL C 43 4.51 -11.59 3.24
C VAL C 43 5.56 -12.46 3.93
N ASN C 44 6.53 -11.85 4.60
CA ASN C 44 7.53 -12.60 5.35
C ASN C 44 6.90 -13.18 6.62
N THR C 45 7.26 -14.42 6.97
CA THR C 45 6.79 -15.08 8.19
C THR C 45 7.23 -14.31 9.42
N ALA C 46 8.19 -13.43 9.21
CA ALA C 46 8.75 -12.75 10.35
C ALA C 46 8.49 -11.28 10.18
N GLY C 47 8.74 -10.53 11.23
CA GLY C 47 8.54 -9.09 11.24
C GLY C 47 9.91 -8.46 11.22
N ARG C 48 9.96 -7.15 11.00
CA ARG C 48 11.23 -6.50 10.64
C ARG C 48 12.33 -6.70 11.71
N GLU C 49 12.10 -6.29 12.94
CA GLU C 49 13.09 -6.54 13.99
C GLU C 49 13.92 -7.84 13.82
N THR C 50 13.43 -8.81 13.05
CA THR C 50 14.19 -10.06 12.94
C THR C 50 14.95 -10.12 11.59
N GLY C 51 14.50 -9.30 10.62
CA GLY C 51 15.15 -9.27 9.30
C GLY C 51 14.60 -10.28 8.33
N GLY C 52 13.64 -11.07 8.81
CA GLY C 52 12.93 -11.98 7.98
C GLY C 52 13.50 -13.39 8.01
N VAL C 53 12.68 -14.34 7.57
CA VAL C 53 13.07 -15.74 7.49
C VAL C 53 12.60 -16.38 6.19
N HIS C 54 11.34 -16.15 5.81
CA HIS C 54 10.70 -16.98 4.79
C HIS C 54 9.55 -16.25 4.18
N TRP C 55 9.24 -16.56 2.93
CA TRP C 55 8.35 -15.78 2.05
C TRP C 55 7.18 -16.62 1.59
N LEU C 56 5.98 -16.07 1.77
CA LEU C 56 4.67 -16.68 1.46
C LEU C 56 3.92 -15.81 0.49
N ALA C 57 3.36 -16.38 -0.55
CA ALA C 57 2.60 -15.54 -1.53
C ALA C 57 1.08 -15.52 -1.25
N PHE C 58 0.44 -14.35 -1.40
CA PHE C 58 -0.99 -14.18 -1.00
C PHE C 58 -1.78 -13.43 -2.10
N GLY C 59 -2.78 -14.09 -2.69
CA GLY C 59 -3.69 -13.50 -3.67
C GLY C 59 -5.09 -13.29 -3.09
N TRP C 60 -5.87 -12.34 -3.65
CA TRP C 60 -7.28 -12.18 -3.29
C TRP C 60 -7.95 -12.11 -4.60
N ASN C 61 -8.81 -13.11 -4.86
CA ASN C 61 -9.56 -13.15 -6.08
C ASN C 61 -11.01 -12.81 -5.74
N PRO C 62 -11.43 -11.58 -6.08
CA PRO C 62 -12.72 -10.95 -5.78
C PRO C 62 -13.96 -11.63 -6.38
N ARG C 63 -13.82 -12.41 -7.45
CA ARG C 63 -14.98 -13.13 -7.97
C ARG C 63 -15.33 -14.22 -6.97
N SER C 64 -14.52 -15.27 -6.88
CA SER C 64 -14.85 -16.40 -5.98
C SER C 64 -14.67 -16.09 -4.51
N ARG C 65 -14.30 -14.85 -4.17
CA ARG C 65 -14.10 -14.46 -2.78
C ARG C 65 -13.26 -15.54 -2.06
N THR C 66 -12.19 -15.94 -2.75
CA THR C 66 -11.15 -16.90 -2.33
C THR C 66 -9.80 -16.19 -2.08
N CYS C 67 -9.33 -16.16 -0.82
CA CYS C 67 -7.94 -15.77 -0.54
C CYS C 67 -6.99 -16.95 -0.75
N TYR C 68 -6.10 -16.86 -1.74
CA TYR C 68 -5.07 -17.84 -1.95
C TYR C 68 -3.82 -17.58 -1.12
N MET C 69 -3.34 -18.61 -0.39
CA MET C 69 -2.05 -18.53 0.31
C MET C 69 -1.05 -19.52 -0.32
N PHE C 70 0.15 -19.04 -0.67
CA PHE C 70 1.04 -19.98 -1.34
C PHE C 70 2.33 -20.09 -0.57
N ASP C 71 2.54 -21.27 0.00
CA ASP C 71 3.75 -21.53 0.73
C ASP C 71 4.44 -22.49 -0.17
N PRO C 72 5.58 -22.08 -0.76
CA PRO C 72 6.28 -22.89 -1.76
C PRO C 72 6.39 -24.38 -1.38
N PHE C 73 6.44 -24.65 -0.08
CA PHE C 73 6.57 -25.97 0.54
C PHE C 73 5.19 -26.62 0.83
N GLY C 74 4.13 -25.87 0.55
CA GLY C 74 2.77 -26.06 1.08
C GLY C 74 2.54 -26.77 2.41
N PHE C 75 3.18 -26.29 3.47
CA PHE C 75 2.90 -26.60 4.88
C PHE C 75 1.50 -26.19 5.30
N SER C 76 0.96 -26.88 6.30
CA SER C 76 -0.29 -26.48 6.99
C SER C 76 -0.09 -25.18 7.80
N ASP C 77 -1.18 -24.53 8.21
CA ASP C 77 -1.10 -23.35 9.09
C ASP C 77 -0.52 -23.74 10.42
N ARG C 78 -0.89 -24.93 10.89
CA ARG C 78 -0.33 -25.43 12.11
C ARG C 78 1.22 -25.58 12.09
N ARG C 79 1.73 -25.94 10.91
CA ARG C 79 3.13 -26.27 10.64
C ARG C 79 3.86 -24.99 10.17
N LEU C 80 3.11 -23.99 9.69
CA LEU C 80 3.61 -22.59 9.74
C LEU C 80 3.69 -22.02 11.19
N LYS C 81 2.66 -22.31 12.01
CA LYS C 81 2.63 -21.71 13.34
C LYS C 81 3.79 -22.34 14.15
N GLN C 82 4.07 -23.60 13.85
CA GLN C 82 5.15 -24.39 14.48
C GLN C 82 6.54 -24.01 13.99
N ILE C 83 6.80 -24.26 12.71
CA ILE C 83 8.17 -24.08 12.19
C ILE C 83 8.48 -22.62 12.05
N TYR C 84 7.48 -21.74 11.83
CA TYR C 84 7.75 -20.33 11.47
C TYR C 84 7.16 -19.21 12.35
N SER C 85 6.36 -19.57 13.36
CA SER C 85 5.63 -18.64 14.25
C SER C 85 4.74 -17.63 13.49
N PHE C 86 4.21 -18.10 12.37
CA PHE C 86 3.42 -17.27 11.51
C PHE C 86 2.00 -17.78 11.48
N GLU C 87 1.06 -16.93 11.85
CA GLU C 87 -0.33 -17.28 11.67
C GLU C 87 -1.01 -16.06 11.07
N TYR C 88 -1.77 -16.24 9.99
CA TYR C 88 -2.49 -15.09 9.38
C TYR C 88 -3.99 -15.08 9.64
N GLU C 89 -4.40 -15.35 10.89
CA GLU C 89 -5.83 -15.32 11.26
C GLU C 89 -6.44 -13.89 11.23
N ALA C 90 -5.92 -13.00 12.09
CA ALA C 90 -6.16 -11.56 12.05
C ALA C 90 -6.28 -11.03 10.60
N MET C 91 -5.31 -11.36 9.76
CA MET C 91 -5.29 -10.79 8.42
C MET C 91 -6.53 -11.20 7.64
N LEU C 92 -6.91 -12.45 7.85
CA LEU C 92 -7.97 -13.12 7.10
C LEU C 92 -9.35 -12.61 7.47
N ARG C 93 -9.51 -12.36 8.76
CA ARG C 93 -10.64 -11.66 9.28
C ARG C 93 -10.75 -10.30 8.63
N ARG C 94 -9.78 -9.43 8.90
CA ARG C 94 -9.78 -8.04 8.41
C ARG C 94 -10.13 -7.95 6.92
N SER C 95 -10.08 -9.08 6.23
CA SER C 95 -10.22 -9.09 4.77
C SER C 95 -11.62 -9.45 4.31
N ALA C 96 -12.20 -10.43 4.97
CA ALA C 96 -13.56 -10.82 4.70
C ALA C 96 -14.50 -9.81 5.35
N LEU C 97 -14.07 -9.11 6.43
CA LEU C 97 -14.83 -7.93 6.95
C LEU C 97 -14.87 -6.69 6.00
N ALA C 98 -13.73 -6.36 5.39
CA ALA C 98 -13.65 -5.28 4.44
C ALA C 98 -14.25 -5.62 3.07
N LEU C 99 -14.12 -6.85 2.62
CA LEU C 99 -14.37 -7.02 1.20
C LEU C 99 -15.47 -8.01 0.76
N SER C 100 -15.88 -8.96 1.62
CA SER C 100 -17.00 -9.84 1.28
C SER C 100 -18.33 -9.51 2.03
N PRO C 101 -19.48 -9.69 1.34
CA PRO C 101 -20.78 -9.37 1.91
C PRO C 101 -21.18 -10.30 3.04
N ASP C 102 -21.05 -11.63 2.85
CA ASP C 102 -21.48 -12.65 3.86
C ASP C 102 -20.55 -12.90 5.05
N ARG C 103 -19.57 -12.02 5.26
CA ARG C 103 -18.53 -12.17 6.27
C ARG C 103 -17.76 -13.50 6.17
N CYS C 104 -17.68 -13.99 4.93
CA CYS C 104 -17.13 -15.29 4.61
C CYS C 104 -16.10 -15.22 3.48
N LEU C 105 -15.16 -16.15 3.44
CA LEU C 105 -14.29 -16.26 2.27
C LEU C 105 -13.68 -17.63 2.23
N SER C 106 -13.28 -18.05 1.01
CA SER C 106 -12.45 -19.24 0.82
C SER C 106 -10.98 -18.95 1.10
N LEU C 107 -10.33 -19.85 1.83
CA LEU C 107 -8.91 -19.78 1.98
C LEU C 107 -8.42 -21.02 1.28
N GLU C 108 -7.63 -20.82 0.23
CA GLU C 108 -7.19 -21.93 -0.57
C GLU C 108 -5.69 -22.03 -0.51
N GLN C 109 -5.22 -23.22 -0.09
CA GLN C 109 -3.79 -23.42 0.11
C GLN C 109 -3.21 -24.72 -0.35
N SER C 110 -1.90 -24.66 -0.65
CA SER C 110 -1.15 -25.74 -1.27
C SER C 110 -0.93 -26.84 -0.23
N THR C 111 -1.05 -28.07 -0.71
CA THR C 111 -0.91 -29.26 0.13
C THR C 111 0.40 -29.92 -0.22
N GLN C 112 1.28 -29.16 -0.84
CA GLN C 112 2.51 -29.76 -1.38
C GLN C 112 3.69 -28.86 -1.37
N THR C 113 4.85 -29.45 -1.31
CA THR C 113 6.10 -28.70 -1.62
C THR C 113 6.40 -28.61 -3.12
N VAL C 114 6.99 -27.49 -3.52
CA VAL C 114 7.77 -27.51 -4.75
C VAL C 114 9.24 -27.24 -4.39
N GLN C 115 9.57 -27.09 -3.10
CA GLN C 115 10.92 -26.65 -2.70
C GLN C 115 11.72 -27.59 -1.76
N GLY C 116 13.02 -27.69 -2.01
CA GLY C 116 13.87 -28.76 -1.45
C GLY C 116 14.08 -28.37 -0.01
N PRO C 117 14.28 -29.34 0.86
CA PRO C 117 14.34 -29.06 2.31
C PRO C 117 15.46 -28.08 2.60
N ASP C 118 16.43 -28.00 1.71
CA ASP C 118 17.55 -27.13 2.01
C ASP C 118 17.55 -25.85 1.18
N SER C 119 16.68 -25.81 0.18
CA SER C 119 16.60 -24.69 -0.73
C SER C 119 16.27 -23.38 -0.04
N ALA C 120 16.79 -22.28 -0.62
CA ALA C 120 16.56 -20.96 -0.06
C ALA C 120 15.90 -20.05 -1.06
N ALA C 121 15.28 -20.65 -2.10
CA ALA C 121 14.60 -19.95 -3.20
C ALA C 121 13.10 -19.72 -2.96
N CYS C 122 12.67 -19.62 -1.70
CA CYS C 122 11.26 -19.48 -1.31
C CYS C 122 10.54 -18.27 -1.93
N GLY C 123 11.15 -17.09 -1.80
CA GLY C 123 10.68 -15.84 -2.42
C GLY C 123 10.62 -15.89 -3.94
N LEU C 124 11.63 -16.49 -4.55
CA LEU C 124 11.60 -16.66 -6.00
C LEU C 124 10.45 -17.57 -6.45
N PHE C 125 10.22 -18.68 -5.73
CA PHE C 125 9.04 -19.53 -6.09
C PHE C 125 7.73 -18.77 -5.95
N CYS C 126 7.62 -17.97 -4.88
CA CYS C 126 6.44 -17.11 -4.66
C CYS C 126 6.13 -16.20 -5.82
N CYS C 127 7.18 -15.71 -6.48
CA CYS C 127 7.04 -14.82 -7.62
C CYS C 127 6.35 -15.46 -8.77
N MET C 128 6.68 -16.74 -8.95
CA MET C 128 6.25 -17.53 -10.08
C MET C 128 4.77 -17.87 -9.89
N PHE C 129 4.39 -18.12 -8.64
CA PHE C 129 2.97 -18.36 -8.29
C PHE C 129 2.17 -17.05 -8.46
N LEU C 130 2.76 -15.91 -8.15
CA LEU C 130 2.04 -14.65 -8.42
C LEU C 130 1.98 -14.34 -9.89
N HIS C 131 2.95 -14.84 -10.67
CA HIS C 131 2.77 -14.77 -12.09
C HIS C 131 1.48 -15.53 -12.34
N ALA C 132 1.41 -16.74 -11.76
CA ALA C 132 0.31 -17.66 -11.94
C ALA C 132 -0.97 -17.06 -11.41
N PHE C 133 -0.92 -16.39 -10.27
CA PHE C 133 -2.13 -15.77 -9.76
C PHE C 133 -2.75 -14.67 -10.65
N VAL C 134 -2.02 -13.58 -10.90
CA VAL C 134 -2.49 -12.44 -11.73
C VAL C 134 -2.82 -12.80 -13.18
N HIS C 135 -2.42 -14.00 -13.62
CA HIS C 135 -2.79 -14.38 -14.99
C HIS C 135 -3.99 -15.33 -15.11
N TRP C 136 -4.27 -16.10 -14.06
CA TRP C 136 -5.38 -17.04 -14.06
C TRP C 136 -5.80 -17.16 -12.61
N PRO C 137 -6.65 -16.25 -12.12
CA PRO C 137 -6.64 -16.29 -10.67
C PRO C 137 -7.73 -17.19 -10.09
N ASP C 138 -8.47 -17.85 -10.98
CA ASP C 138 -9.47 -18.81 -10.59
C ASP C 138 -8.86 -20.21 -10.41
N ARG C 139 -7.65 -20.41 -10.94
CA ARG C 139 -6.92 -21.67 -10.86
C ARG C 139 -5.43 -21.29 -10.83
N PRO C 140 -4.95 -20.65 -9.72
CA PRO C 140 -3.55 -20.21 -9.79
C PRO C 140 -2.55 -21.27 -9.36
N MET C 141 -2.91 -22.04 -8.33
CA MET C 141 -2.16 -23.15 -7.76
C MET C 141 -1.78 -24.26 -8.74
N ASP C 142 -2.66 -24.56 -9.71
CA ASP C 142 -2.42 -25.70 -10.59
C ASP C 142 -3.37 -25.69 -11.77
N GLY C 143 -2.96 -26.38 -12.84
CA GLY C 143 -3.69 -26.37 -14.09
C GLY C 143 -3.58 -24.97 -14.71
N ASN C 144 -2.35 -24.46 -14.88
CA ASN C 144 -2.10 -23.19 -15.59
C ASN C 144 -0.63 -23.05 -16.04
N PRO C 145 -0.40 -22.60 -17.28
CA PRO C 145 0.89 -22.63 -17.96
C PRO C 145 2.07 -22.50 -17.03
N THR C 146 2.07 -21.44 -16.23
CA THR C 146 3.09 -21.19 -15.24
C THR C 146 3.24 -22.36 -14.28
N MET C 147 2.13 -22.79 -13.68
CA MET C 147 2.15 -23.84 -12.62
C MET C 147 2.24 -25.29 -13.08
N ASN C 148 1.72 -25.58 -14.27
CA ASN C 148 2.03 -26.86 -14.92
C ASN C 148 3.54 -27.21 -14.97
N LEU C 149 4.38 -26.21 -14.73
CA LEU C 149 5.81 -26.34 -14.85
C LEU C 149 6.40 -27.07 -13.67
N LEU C 150 5.60 -27.17 -12.62
CA LEU C 150 6.21 -27.52 -11.38
C LEU C 150 5.53 -28.74 -10.90
N THR C 151 6.32 -29.62 -10.32
CA THR C 151 5.82 -30.81 -9.71
C THR C 151 5.79 -30.56 -8.22
N GLY C 152 4.59 -30.44 -7.69
CA GLY C 152 4.48 -30.38 -6.23
C GLY C 152 4.40 -31.79 -5.69
N VAL C 153 4.94 -32.01 -4.49
CA VAL C 153 4.86 -33.30 -3.85
C VAL C 153 4.45 -33.12 -2.40
N PRO C 154 3.61 -34.05 -1.90
CA PRO C 154 3.18 -34.10 -0.52
C PRO C 154 4.08 -33.40 0.52
N ASN C 155 3.57 -32.39 1.19
CA ASN C 155 4.33 -31.73 2.20
C ASN C 155 4.88 -32.76 3.21
N GLY C 156 4.29 -33.97 3.19
CA GLY C 156 4.73 -35.06 4.03
C GLY C 156 6.09 -35.62 3.63
N MET C 157 6.32 -35.71 2.31
CA MET C 157 7.56 -36.26 1.78
C MET C 157 8.63 -35.18 1.57
N LEU C 158 8.46 -33.98 2.12
CA LEU C 158 9.48 -32.95 1.94
C LEU C 158 10.95 -33.42 2.25
N GLN C 159 11.11 -34.35 3.19
CA GLN C 159 12.45 -34.59 3.77
C GLN C 159 13.16 -35.76 3.13
N SER C 160 12.67 -36.14 1.94
CA SER C 160 12.72 -37.50 1.43
C SER C 160 13.47 -37.80 0.13
N PRO C 161 14.62 -38.52 0.23
CA PRO C 161 15.54 -38.83 -0.85
C PRO C 161 14.82 -39.15 -2.18
N GLN C 162 13.65 -39.77 -2.09
CA GLN C 162 12.88 -40.16 -3.29
C GLN C 162 12.49 -38.97 -4.15
N VAL C 163 12.38 -37.80 -3.51
CA VAL C 163 11.82 -36.62 -4.17
C VAL C 163 12.76 -35.42 -4.44
N LEU C 164 14.05 -35.55 -4.15
CA LEU C 164 15.00 -34.43 -4.40
C LEU C 164 15.23 -34.30 -5.91
N PRO C 165 15.24 -35.43 -6.63
CA PRO C 165 15.28 -35.08 -8.04
C PRO C 165 14.21 -34.07 -8.45
N THR C 166 13.06 -34.17 -7.77
CA THR C 166 11.82 -33.56 -8.20
C THR C 166 11.87 -32.07 -7.96
N LEU C 167 12.22 -31.74 -6.74
CA LEU C 167 12.34 -30.38 -6.27
C LEU C 167 13.52 -29.62 -6.87
N ARG C 168 14.62 -30.32 -7.17
CA ARG C 168 15.74 -29.75 -7.88
C ARG C 168 15.34 -29.44 -9.32
N ARG C 169 14.70 -30.41 -9.96
CA ARG C 169 14.19 -30.18 -11.30
C ARG C 169 13.26 -28.95 -11.28
N ASN C 170 12.58 -28.74 -10.15
CA ASN C 170 11.60 -27.62 -10.03
C ASN C 170 12.30 -26.28 -9.88
N GLN C 171 13.11 -26.15 -8.81
CA GLN C 171 14.16 -25.11 -8.67
C GLN C 171 14.80 -24.76 -9.99
N GLU C 172 15.11 -25.76 -10.82
CA GLU C 172 15.79 -25.53 -12.09
C GLU C 172 14.81 -24.88 -13.05
N LYS C 173 13.57 -25.35 -13.02
CA LYS C 173 12.55 -24.84 -13.91
C LYS C 173 12.04 -23.46 -13.48
N LEU C 174 12.27 -23.12 -12.22
CA LEU C 174 11.90 -21.82 -11.72
C LEU C 174 12.76 -20.82 -12.49
N TYR C 175 14.08 -20.98 -12.30
CA TYR C 175 15.13 -20.19 -12.93
C TYR C 175 14.89 -20.00 -14.45
N ARG C 176 14.62 -21.06 -15.21
CA ARG C 176 14.39 -20.90 -16.66
C ARG C 176 13.18 -20.04 -16.91
N PHE C 177 12.07 -20.29 -16.16
CA PHE C 177 10.83 -19.51 -16.39
C PHE C 177 11.12 -18.04 -16.14
N LEU C 178 11.71 -17.74 -14.97
CA LEU C 178 12.11 -16.40 -14.58
C LEU C 178 13.05 -15.66 -15.59
N ALA C 179 14.15 -16.33 -15.94
CA ALA C 179 15.07 -15.84 -16.96
C ALA C 179 14.36 -15.63 -18.28
N HIS C 180 13.28 -16.39 -18.52
CA HIS C 180 12.46 -16.02 -19.65
C HIS C 180 11.71 -14.70 -19.47
N HIS C 181 11.30 -14.37 -18.24
CA HIS C 181 10.35 -13.27 -17.96
C HIS C 181 10.90 -12.06 -17.20
N SER C 182 11.98 -12.27 -16.45
CA SER C 182 12.50 -11.19 -15.61
C SER C 182 13.94 -10.66 -15.88
N PRO C 183 14.04 -9.53 -16.63
CA PRO C 183 15.27 -8.77 -16.71
C PRO C 183 15.97 -8.60 -15.38
N TYR C 184 15.28 -8.33 -14.28
CA TYR C 184 16.07 -8.15 -13.06
C TYR C 184 16.78 -9.42 -12.66
N PHE C 185 16.06 -10.54 -12.74
CA PHE C 185 16.59 -11.88 -12.49
C PHE C 185 17.88 -12.06 -13.28
N ARG C 186 17.77 -12.10 -14.60
CA ARG C 186 18.93 -12.03 -15.53
C ARG C 186 20.02 -11.07 -15.08
N SER C 187 19.66 -9.80 -14.92
CA SER C 187 20.69 -8.85 -14.61
C SER C 187 21.40 -9.24 -13.33
N HIS C 188 20.75 -10.07 -12.49
CA HIS C 188 21.35 -10.49 -11.20
C HIS C 188 21.39 -11.98 -10.88
N ARG C 189 21.29 -12.78 -11.94
CA ARG C 189 21.24 -14.20 -11.83
C ARG C 189 22.28 -14.79 -10.84
N ALA C 190 23.55 -14.73 -11.22
CA ALA C 190 24.63 -15.33 -10.43
C ALA C 190 24.62 -15.04 -8.91
N ALA C 191 24.18 -13.85 -8.50
CA ALA C 191 24.02 -13.51 -7.06
C ALA C 191 22.83 -14.26 -6.45
N ILE C 192 21.73 -14.17 -7.21
CA ILE C 192 20.48 -14.86 -7.03
C ILE C 192 20.66 -16.37 -6.82
N GLU C 193 21.08 -17.07 -7.86
CA GLU C 193 21.34 -18.52 -7.86
C GLU C 193 22.29 -19.01 -6.77
N HIS C 194 23.34 -18.23 -6.51
CA HIS C 194 24.25 -18.59 -5.43
C HIS C 194 23.61 -18.35 -4.05
N ALA C 195 22.77 -17.32 -3.90
CA ALA C 195 22.12 -17.08 -2.60
C ALA C 195 20.73 -17.79 -2.46
N THR C 196 20.22 -18.36 -3.55
CA THR C 196 19.06 -19.24 -3.50
C THR C 196 19.39 -20.65 -3.99
N ALA C 197 20.56 -21.17 -3.57
CA ALA C 197 20.96 -22.53 -3.92
C ALA C 197 19.99 -23.55 -3.26
N PHE C 198 19.65 -24.61 -3.99
CA PHE C 198 18.94 -25.81 -3.50
C PHE C 198 19.47 -26.29 -2.15
N ASP C 199 20.75 -26.62 -2.10
CA ASP C 199 21.42 -26.98 -0.83
C ASP C 199 21.99 -25.73 -0.17
N LYS C 200 21.37 -24.59 -0.46
CA LYS C 200 21.82 -23.33 0.11
C LYS C 200 21.90 -23.40 1.63
N MET C 201 20.91 -23.99 2.28
CA MET C 201 20.86 -23.98 3.74
C MET C 201 22.01 -24.76 4.43
N LYS C 202 22.64 -25.69 3.69
CA LYS C 202 23.78 -26.51 4.20
C LYS C 202 25.17 -25.83 4.00
N GLN C 203 25.24 -24.51 4.09
CA GLN C 203 26.42 -23.79 3.59
C GLN C 203 26.44 -22.34 4.05
N LEU C 204 25.74 -22.07 5.15
CA LEU C 204 25.65 -20.73 5.72
C LEU C 204 26.97 -20.17 6.32
N GLY D 1 2.26 -28.20 -10.99
CA GLY D 1 1.83 -27.34 -9.83
C GLY D 1 1.49 -28.09 -8.54
N VAL D 2 0.79 -27.41 -7.64
CA VAL D 2 0.56 -27.85 -6.23
C VAL D 2 -0.91 -28.11 -5.91
N LYS D 3 -1.21 -29.25 -5.30
CA LYS D 3 -2.59 -29.58 -5.04
C LYS D 3 -2.91 -28.80 -3.80
N SER D 4 -4.14 -28.32 -3.71
CA SER D 4 -4.53 -27.40 -2.65
C SER D 4 -5.81 -27.78 -1.90
N LEU D 5 -6.09 -26.98 -0.87
CA LEU D 5 -7.26 -27.12 0.02
C LEU D 5 -8.07 -25.82 0.15
N LYS D 6 -9.22 -25.80 -0.52
CA LYS D 6 -10.27 -24.79 -0.36
C LYS D 6 -11.01 -24.97 1.00
N ARG D 7 -10.75 -24.07 1.96
CA ARG D 7 -11.45 -24.07 3.25
C ARG D 7 -12.32 -22.80 3.36
N ARG D 8 -13.54 -22.95 3.89
CA ARG D 8 -14.47 -21.83 4.04
C ARG D 8 -14.23 -21.21 5.37
N ARG D 9 -14.18 -19.88 5.46
CA ARG D 9 -14.09 -19.26 6.79
C ARG D 9 -14.96 -18.03 6.96
N CYS D 10 -15.72 -17.98 8.04
CA CYS D 10 -16.75 -16.97 8.18
C CYS D 10 -16.62 -16.24 9.49
N TYR D 11 -16.90 -14.94 9.47
CA TYR D 11 -16.43 -14.03 10.54
C TYR D 11 -17.48 -13.14 11.19
#